data_2W2S
#
_entry.id   2W2S
#
_cell.length_a   56.870
_cell.length_b   56.870
_cell.length_c   187.910
_cell.angle_alpha   90.00
_cell.angle_beta   90.00
_cell.angle_gamma   120.00
#
_symmetry.space_group_name_H-M   'P 61 2 2'
#
_entity_poly.entity_id   1
_entity_poly.type   'polypeptide(L)'
_entity_poly.pdbx_seq_one_letter_code
;MNFLRKIVKNCKDEEIPKPGTPSAPPDDDDLWMPPPEYVPLTQIKGKENVRNFCINGEIKICSPNGYSFRILRHILKSFD
NVYSGNRRLIGVVKVVIGLVLSASPVPEGMNWVYKLRRTLIFQWAESHGPLEGEELEYSQEITWDDEAEFVSLQIRVSAK
QCHIQGRLWCINMNSKACQLWADMGLKTQQSQEDENTSLLLE
;
_entity_poly.pdbx_strand_id   A
#
# COMPACT_ATOMS: atom_id res chain seq x y z
N ASP A 30 -20.77 1.70 13.98
CA ASP A 30 -19.88 2.88 13.82
C ASP A 30 -18.80 2.57 12.79
N LEU A 31 -17.84 3.46 12.67
CA LEU A 31 -16.72 3.29 11.72
C LEU A 31 -15.38 3.43 12.45
N TRP A 32 -15.46 3.51 13.78
CA TRP A 32 -14.36 3.98 14.63
C TRP A 32 -13.47 2.88 15.21
N MET A 33 -12.17 3.19 15.27
CA MET A 33 -11.19 2.35 15.96
C MET A 33 -10.61 3.13 17.14
N PRO A 34 -11.00 2.76 18.37
CA PRO A 34 -10.54 3.48 19.54
C PRO A 34 -9.07 3.19 19.84
N PRO A 35 -8.41 4.08 20.59
CA PRO A 35 -7.00 3.85 20.92
C PRO A 35 -6.77 2.48 21.59
N PRO A 36 -5.58 1.90 21.38
CA PRO A 36 -5.24 0.58 21.90
C PRO A 36 -5.40 0.41 23.41
N GLU A 37 -5.23 1.52 24.14
CA GLU A 37 -5.30 1.53 25.61
C GLU A 37 -4.22 0.64 26.25
N GLU A 48 4.92 -5.99 -20.19
CA GLU A 48 6.24 -6.34 -20.79
C GLU A 48 7.32 -6.48 -19.72
N ASN A 49 7.30 -5.55 -18.77
CA ASN A 49 8.16 -5.61 -17.59
C ASN A 49 7.42 -6.27 -16.42
N VAL A 50 7.89 -7.45 -16.05
CA VAL A 50 7.30 -8.24 -14.96
C VAL A 50 8.29 -8.47 -13.83
N ARG A 51 7.80 -8.39 -12.60
CA ARG A 51 8.64 -8.65 -11.44
C ARG A 51 7.92 -9.42 -10.36
N ASN A 52 8.68 -10.33 -9.77
CA ASN A 52 8.29 -11.09 -8.59
C ASN A 52 8.98 -10.46 -7.42
N PHE A 53 8.20 -9.94 -6.50
CA PHE A 53 8.73 -9.30 -5.29
C PHE A 53 8.28 -10.01 -4.06
N CYS A 54 9.25 -10.44 -3.27
CA CYS A 54 9.01 -10.80 -1.88
C CYS A 54 8.82 -9.50 -1.09
N ILE A 55 7.69 -9.41 -0.39
CA ILE A 55 7.23 -8.15 0.22
C ILE A 55 6.94 -8.26 1.69
N ASN A 56 7.48 -7.29 2.42
CA ASN A 56 7.24 -7.14 3.86
C ASN A 56 6.70 -5.73 4.10
N GLY A 57 5.45 -5.67 4.55
CA GLY A 57 4.76 -4.41 4.71
C GLY A 57 4.21 -4.23 6.11
N GLU A 58 4.49 -3.07 6.67
CA GLU A 58 3.98 -2.73 8.01
C GLU A 58 3.55 -1.27 8.08
N ILE A 59 2.32 -1.08 8.51
CA ILE A 59 1.80 0.24 8.83
C ILE A 59 1.38 0.28 10.28
N LYS A 60 2.03 1.15 11.03
CA LYS A 60 1.60 1.45 12.39
C LYS A 60 0.86 2.78 12.42
N ILE A 61 -0.37 2.74 12.90
CA ILE A 61 -1.18 3.94 13.03
C ILE A 61 -1.21 4.38 14.47
N CYS A 62 -0.93 5.67 14.64
CA CYS A 62 -0.87 6.27 15.96
C CYS A 62 -1.90 7.36 16.06
N SER A 63 -2.86 7.17 16.95
CA SER A 63 -3.96 8.10 17.13
C SER A 63 -4.51 8.12 18.56
N PRO A 64 -4.19 9.21 19.30
CA PRO A 64 -4.71 9.40 20.65
C PRO A 64 -6.22 9.39 20.71
N ASN A 65 -6.87 9.97 19.71
CA ASN A 65 -8.32 10.11 19.71
C ASN A 65 -8.97 9.00 18.92
N GLY A 66 -8.15 8.07 18.45
CA GLY A 66 -8.63 6.98 17.60
C GLY A 66 -8.91 7.46 16.19
N TYR A 67 -9.32 6.55 15.33
CA TYR A 67 -9.47 6.85 13.90
C TYR A 67 -10.53 6.01 13.22
N SER A 68 -10.85 6.45 12.01
CA SER A 68 -11.79 5.75 11.16
C SER A 68 -11.21 5.53 9.78
N PHE A 69 -11.91 4.72 9.01
CA PHE A 69 -11.50 4.42 7.64
C PHE A 69 -11.59 5.69 6.81
N ARG A 70 -12.54 6.53 7.20
CA ARG A 70 -12.81 7.75 6.46
C ARG A 70 -11.60 8.63 6.50
N ILE A 71 -11.00 8.71 7.68
CA ILE A 71 -9.84 9.57 7.89
C ILE A 71 -8.68 9.03 7.09
N LEU A 72 -8.53 7.71 7.11
CA LEU A 72 -7.44 7.05 6.37
C LEU A 72 -7.54 7.37 4.89
N ARG A 73 -8.76 7.46 4.40
CA ARG A 73 -8.99 7.68 2.98
C ARG A 73 -8.68 9.12 2.58
N HIS A 74 -8.88 10.02 3.53
CA HIS A 74 -8.54 11.44 3.31
C HIS A 74 -7.03 11.64 3.30
N ILE A 75 -6.35 10.91 4.17
CA ILE A 75 -4.91 11.03 4.28
C ILE A 75 -4.28 10.57 2.98
N LEU A 76 -4.66 9.36 2.60
CA LEU A 76 -4.05 8.66 1.46
C LEU A 76 -4.47 9.23 0.10
N LYS A 77 -5.43 10.12 0.15
CA LYS A 77 -5.91 10.80 -1.07
C LYS A 77 -4.73 11.48 -1.74
N SER A 78 -3.78 11.91 -0.93
CA SER A 78 -2.71 12.78 -1.38
C SER A 78 -1.36 12.09 -1.28
N PHE A 79 -1.40 10.75 -1.28
CA PHE A 79 -0.18 9.96 -1.22
C PHE A 79 0.75 10.30 -2.38
N ASP A 80 0.18 10.63 -3.52
CA ASP A 80 0.98 10.98 -4.70
C ASP A 80 1.94 12.13 -4.37
N ASN A 81 1.54 12.99 -3.44
CA ASN A 81 2.27 14.22 -3.14
C ASN A 81 2.95 14.15 -1.78
N VAL A 82 3.03 12.95 -1.24
CA VAL A 82 3.62 12.75 0.08
C VAL A 82 4.75 11.74 0.07
N TYR A 83 4.56 10.69 -0.73
CA TYR A 83 5.52 9.60 -0.90
C TYR A 83 6.90 10.11 -1.17
N SER A 84 7.84 9.70 -0.33
CA SER A 84 9.22 10.19 -0.40
C SER A 84 10.18 9.23 -1.07
N GLY A 85 9.72 8.01 -1.32
CA GLY A 85 10.59 6.97 -1.85
C GLY A 85 10.87 7.06 -3.33
N ASN A 86 11.36 5.95 -3.86
CA ASN A 86 11.71 5.79 -5.25
C ASN A 86 10.42 5.79 -6.10
N ARG A 87 10.31 6.77 -6.99
CA ARG A 87 9.09 6.96 -7.81
C ARG A 87 8.80 5.75 -8.66
N ARG A 88 9.88 5.23 -9.22
CA ARG A 88 9.78 4.07 -10.10
C ARG A 88 9.06 2.91 -9.42
N LEU A 89 8.85 3.04 -8.11
CA LEU A 89 8.30 1.95 -7.27
C LEU A 89 7.02 2.31 -6.51
N ILE A 90 6.48 3.47 -6.85
CA ILE A 90 5.32 4.00 -6.15
C ILE A 90 4.13 3.13 -6.46
N GLY A 91 4.17 2.50 -7.62
CA GLY A 91 3.07 1.60 -7.99
C GLY A 91 2.99 0.44 -7.02
N VAL A 92 4.16 -0.10 -6.71
CA VAL A 92 4.26 -1.23 -5.80
C VAL A 92 3.77 -0.79 -4.43
N VAL A 93 4.20 0.40 -4.03
CA VAL A 93 3.91 0.84 -2.66
C VAL A 93 2.43 1.04 -2.46
N LYS A 94 1.77 1.60 -3.47
CA LYS A 94 0.36 1.89 -3.32
C LYS A 94 -0.39 0.58 -3.18
N VAL A 95 0.01 -0.38 -4.01
CA VAL A 95 -0.66 -1.71 -4.00
C VAL A 95 -0.54 -2.33 -2.63
N VAL A 96 0.64 -2.19 -2.07
CA VAL A 96 0.97 -2.82 -0.80
C VAL A 96 0.20 -2.13 0.31
N ILE A 97 0.24 -0.79 0.29
CA ILE A 97 -0.44 -0.01 1.30
C ILE A 97 -1.90 -0.37 1.34
N GLY A 98 -2.48 -0.55 0.17
CA GLY A 98 -3.89 -0.94 0.05
C GLY A 98 -4.17 -2.29 0.69
N LEU A 99 -3.31 -3.27 0.42
CA LEU A 99 -3.54 -4.64 0.93
C LEU A 99 -3.30 -4.69 2.44
N VAL A 100 -2.28 -3.97 2.87
CA VAL A 100 -1.87 -3.91 4.27
C VAL A 100 -3.01 -3.33 5.11
N LEU A 101 -3.61 -2.25 4.61
CA LEU A 101 -4.66 -1.54 5.36
C LEU A 101 -6.01 -2.22 5.24
N SER A 102 -6.09 -3.25 4.39
CA SER A 102 -7.38 -3.95 4.20
C SER A 102 -7.46 -5.15 5.10
N ALA A 103 -6.40 -5.34 5.89
CA ALA A 103 -6.39 -6.39 6.91
C ALA A 103 -6.90 -5.82 8.23
N SER A 104 -7.01 -6.69 9.21
CA SER A 104 -7.42 -6.26 10.54
C SER A 104 -6.15 -6.13 11.37
N PRO A 105 -6.02 -5.01 12.08
CA PRO A 105 -4.79 -4.73 12.80
C PRO A 105 -4.77 -5.34 14.17
N VAL A 106 -3.67 -5.10 14.86
CA VAL A 106 -3.52 -5.55 16.25
C VAL A 106 -2.95 -4.44 17.12
N PRO A 107 -3.42 -4.36 18.37
CA PRO A 107 -2.92 -3.35 19.28
C PRO A 107 -1.55 -3.71 19.82
N GLU A 108 -0.60 -2.82 19.59
CA GLU A 108 0.75 -2.95 20.11
C GLU A 108 1.21 -1.61 20.66
N GLY A 109 1.10 -1.49 21.97
CA GLY A 109 1.40 -0.27 22.67
C GLY A 109 0.36 0.79 22.37
N MET A 110 0.85 1.90 21.81
CA MET A 110 0.02 3.05 21.52
C MET A 110 -0.30 3.09 20.03
N ASN A 111 -0.18 1.93 19.43
CA ASN A 111 -0.38 1.76 17.98
C ASN A 111 -1.27 0.59 17.61
N TRP A 112 -2.02 0.79 16.54
CA TRP A 112 -2.64 -0.30 15.80
C TRP A 112 -1.68 -0.68 14.70
N VAL A 113 -1.48 -1.98 14.55
CA VAL A 113 -0.47 -2.50 13.63
C VAL A 113 -1.04 -3.46 12.59
N TYR A 114 -0.86 -3.05 11.35
CA TYR A 114 -1.20 -3.86 10.18
C TYR A 114 0.09 -4.37 9.63
N LYS A 115 0.14 -5.68 9.41
CA LYS A 115 1.27 -6.37 8.77
C LYS A 115 0.82 -7.17 7.55
N LEU A 116 1.58 -7.05 6.48
CA LEU A 116 1.40 -7.90 5.30
C LEU A 116 2.74 -8.48 4.88
N ARG A 117 2.73 -9.77 4.61
CA ARG A 117 3.94 -10.45 4.15
C ARG A 117 3.60 -11.43 3.04
N ARG A 118 3.76 -10.98 1.80
CA ARG A 118 3.42 -11.79 0.64
C ARG A 118 4.47 -11.74 -0.46
N THR A 119 4.29 -12.65 -1.40
CA THR A 119 5.08 -12.69 -2.59
C THR A 119 4.16 -12.45 -3.75
N LEU A 120 4.27 -11.27 -4.33
CA LEU A 120 3.36 -10.82 -5.36
C LEU A 120 4.08 -10.69 -6.69
N ILE A 121 3.28 -10.74 -7.74
CA ILE A 121 3.78 -10.56 -9.09
C ILE A 121 3.17 -9.29 -9.64
N PHE A 122 4.02 -8.45 -10.21
CA PHE A 122 3.62 -7.18 -10.83
C PHE A 122 4.03 -7.13 -12.29
N GLN A 123 3.13 -6.59 -13.09
CA GLN A 123 3.39 -6.40 -14.50
C GLN A 123 3.12 -4.96 -14.86
N TRP A 124 4.07 -4.38 -15.58
CA TRP A 124 4.01 -2.99 -16.02
C TRP A 124 3.82 -2.89 -17.52
N ALA A 125 3.20 -1.80 -17.91
CA ALA A 125 3.12 -1.47 -19.32
C ALA A 125 4.37 -0.72 -19.75
N GLU A 126 4.59 -0.70 -21.05
CA GLU A 126 5.42 0.34 -21.67
C GLU A 126 6.84 0.34 -21.10
N SER A 127 7.12 1.33 -20.26
CA SER A 127 8.43 1.48 -19.65
C SER A 127 8.34 2.00 -18.23
N HIS A 128 7.18 1.78 -17.63
CA HIS A 128 6.95 2.19 -16.26
C HIS A 128 7.49 1.10 -15.36
N GLY A 129 7.83 1.47 -14.14
CA GLY A 129 8.29 0.49 -13.15
C GLY A 129 9.80 0.39 -13.02
N PRO A 130 10.27 -0.49 -12.13
CA PRO A 130 11.67 -0.54 -11.74
C PRO A 130 12.56 -1.02 -12.83
N LEU A 131 13.77 -0.46 -12.84
CA LEU A 131 14.83 -0.91 -13.74
C LEU A 131 15.29 -2.27 -13.26
N GLU A 132 16.23 -2.85 -13.99
CA GLU A 132 16.74 -4.19 -13.67
C GLU A 132 17.36 -4.30 -12.29
N GLY A 133 16.99 -5.37 -11.60
CA GLY A 133 17.60 -5.74 -10.31
C GLY A 133 17.39 -4.71 -9.22
N GLU A 134 16.45 -3.81 -9.47
CA GLU A 134 16.13 -2.72 -8.55
C GLU A 134 15.14 -3.20 -7.53
N GLU A 135 15.32 -2.75 -6.30
CA GLU A 135 14.50 -3.18 -5.16
C GLU A 135 14.09 -2.04 -4.23
N LEU A 136 13.14 -2.36 -3.37
CA LEU A 136 12.52 -1.35 -2.50
C LEU A 136 12.79 -1.57 -1.02
N GLU A 137 13.29 -0.52 -0.40
CA GLU A 137 13.37 -0.43 1.05
C GLU A 137 12.88 0.95 1.48
N TYR A 138 11.59 1.04 1.74
CA TYR A 138 10.94 2.32 1.94
C TYR A 138 10.32 2.40 3.31
N SER A 139 10.57 3.51 3.97
CA SER A 139 9.88 3.84 5.21
C SER A 139 9.67 5.35 5.36
N GLN A 140 8.55 5.70 5.95
CA GLN A 140 8.10 7.08 6.02
C GLN A 140 6.99 7.26 7.02
N GLU A 141 7.08 8.37 7.75
CA GLU A 141 6.04 8.80 8.66
C GLU A 141 5.17 9.82 7.97
N ILE A 142 3.88 9.53 7.90
CA ILE A 142 2.91 10.49 7.40
C ILE A 142 2.00 10.85 8.55
N THR A 143 1.94 12.13 8.85
CA THR A 143 1.26 12.64 10.01
C THR A 143 0.14 13.59 9.58
N TRP A 144 -1.09 13.18 9.87
CA TRP A 144 -2.29 13.98 9.56
C TRP A 144 -2.75 14.73 10.80
N ASP A 145 -3.11 15.99 10.58
CA ASP A 145 -3.46 16.89 11.68
C ASP A 145 -4.49 17.94 11.26
N ASP A 146 -5.72 17.73 11.72
CA ASP A 146 -6.83 18.61 11.36
C ASP A 146 -7.73 18.91 12.55
N GLU A 147 -7.45 20.05 13.17
CA GLU A 147 -8.12 20.46 14.39
C GLU A 147 -7.97 19.43 15.50
N ALA A 148 -9.07 18.77 15.84
CA ALA A 148 -9.08 17.81 16.97
C ALA A 148 -8.53 16.44 16.57
N GLU A 149 -8.75 16.06 15.32
CA GLU A 149 -8.26 14.76 14.83
C GLU A 149 -6.78 14.80 14.55
N PHE A 150 -6.11 13.74 14.97
CA PHE A 150 -4.67 13.59 14.78
C PHE A 150 -4.26 12.12 14.59
N VAL A 151 -3.74 11.82 13.41
CA VAL A 151 -3.34 10.47 13.04
C VAL A 151 -1.96 10.45 12.44
N SER A 152 -1.13 9.56 12.97
CA SER A 152 0.24 9.41 12.49
C SER A 152 0.45 8.02 11.95
N LEU A 153 0.75 7.96 10.66
CA LEU A 153 1.02 6.71 9.96
C LEU A 153 2.50 6.47 9.79
N GLN A 154 2.93 5.31 10.26
CA GLN A 154 4.29 4.86 10.07
C GLN A 154 4.31 3.70 9.08
N ILE A 155 4.82 3.98 7.89
CA ILE A 155 4.81 3.01 6.78
C ILE A 155 6.17 2.41 6.51
N ARG A 156 6.22 1.09 6.54
CA ARG A 156 7.43 0.36 6.17
C ARG A 156 7.11 -0.67 5.10
N VAL A 157 7.71 -0.47 3.93
CA VAL A 157 7.61 -1.41 2.83
C VAL A 157 8.96 -1.78 2.29
N SER A 158 9.23 -3.07 2.32
CA SER A 158 10.42 -3.61 1.69
C SER A 158 10.01 -4.63 0.64
N ALA A 159 10.74 -4.60 -0.45
CA ALA A 159 10.47 -5.47 -1.58
C ALA A 159 11.75 -5.90 -2.26
N LYS A 160 12.07 -7.17 -2.12
CA LYS A 160 13.22 -7.76 -2.78
C LYS A 160 12.79 -8.76 -3.83
N GLN A 161 13.54 -8.80 -4.92
CA GLN A 161 13.31 -9.78 -6.00
C GLN A 161 13.74 -11.16 -5.56
N CYS A 162 12.79 -12.09 -5.67
CA CYS A 162 13.02 -13.49 -5.33
C CYS A 162 12.53 -14.38 -6.47
N HIS A 163 12.87 -15.66 -6.34
CA HIS A 163 12.63 -16.63 -7.39
C HIS A 163 11.39 -17.45 -7.08
N ILE A 164 10.75 -17.09 -5.98
CA ILE A 164 9.48 -17.72 -5.59
C ILE A 164 8.38 -17.14 -6.45
N GLN A 165 7.76 -18.00 -7.23
CA GLN A 165 6.63 -17.59 -8.07
C GLN A 165 5.50 -17.09 -7.16
N GLY A 166 5.14 -15.83 -7.38
CA GLY A 166 4.17 -15.13 -6.55
C GLY A 166 2.82 -14.92 -7.23
N ARG A 167 1.91 -14.29 -6.51
CA ARG A 167 0.54 -14.15 -6.95
C ARG A 167 0.26 -12.74 -7.44
N LEU A 168 -0.63 -12.67 -8.42
CA LEU A 168 -1.06 -11.40 -8.98
C LEU A 168 -1.69 -10.63 -7.84
N TRP A 169 -1.25 -9.38 -7.70
CA TRP A 169 -1.68 -8.50 -6.60
C TRP A 169 -3.13 -8.09 -6.74
N CYS A 170 -3.64 -8.15 -7.96
CA CYS A 170 -4.94 -7.57 -8.29
C CYS A 170 -6.06 -8.59 -8.41
N ILE A 171 -5.81 -9.79 -7.92
CA ILE A 171 -6.88 -10.78 -7.78
C ILE A 171 -7.01 -11.19 -6.32
N ASN A 172 -8.23 -11.53 -5.94
CA ASN A 172 -8.58 -12.00 -4.59
C ASN A 172 -8.36 -10.94 -3.49
N MET A 173 -8.38 -9.69 -3.88
CA MET A 173 -8.38 -8.60 -2.90
C MET A 173 -9.80 -8.35 -2.42
N ASN A 174 -9.94 -7.44 -1.46
CA ASN A 174 -11.26 -7.09 -0.94
C ASN A 174 -11.60 -5.63 -1.15
N SER A 175 -12.85 -5.32 -0.90
CA SER A 175 -13.41 -3.99 -1.21
C SER A 175 -12.57 -2.85 -0.64
N LYS A 176 -11.97 -3.10 0.52
CA LYS A 176 -11.16 -2.07 1.19
C LYS A 176 -9.89 -1.81 0.42
N ALA A 177 -9.33 -2.90 -0.12
CA ALA A 177 -8.08 -2.80 -0.89
C ALA A 177 -8.33 -1.96 -2.12
N CYS A 178 -9.41 -2.29 -2.80
CA CYS A 178 -9.82 -1.60 -4.03
C CYS A 178 -10.10 -0.14 -3.75
N GLN A 179 -10.89 0.07 -2.70
CA GLN A 179 -11.27 1.42 -2.28
C GLN A 179 -10.04 2.27 -2.02
N LEU A 180 -9.00 1.65 -1.46
CA LEU A 180 -7.76 2.38 -1.09
C LEU A 180 -6.93 2.70 -2.34
N TRP A 181 -6.96 1.79 -3.30
CA TRP A 181 -6.20 1.94 -4.53
C TRP A 181 -6.82 3.06 -5.37
N ALA A 182 -8.13 3.20 -5.21
CA ALA A 182 -8.90 4.22 -5.90
C ALA A 182 -8.58 5.61 -5.34
N ASP A 183 -8.42 5.68 -4.02
CA ASP A 183 -8.10 6.93 -3.31
C ASP A 183 -6.74 7.47 -3.69
N MET A 184 -5.78 6.55 -3.76
CA MET A 184 -4.38 6.94 -4.00
C MET A 184 -4.13 7.17 -5.48
N GLY A 185 -5.18 6.99 -6.26
CA GLY A 185 -5.11 7.21 -7.69
C GLY A 185 -4.21 6.22 -8.42
N LEU A 186 -4.17 5.00 -7.93
CA LEU A 186 -3.38 3.93 -8.57
C LEU A 186 -3.61 3.87 -10.07
N LYS A 187 -2.58 4.19 -10.84
CA LYS A 187 -2.71 4.22 -12.30
C LYS A 187 -2.51 2.84 -12.90
N THR A 188 -3.54 2.33 -13.56
CA THR A 188 -3.42 1.07 -14.26
C THR A 188 -4.04 1.10 -15.64
N GLN A 189 -3.78 0.01 -16.35
CA GLN A 189 -4.35 -0.24 -17.66
C GLN A 189 -4.60 -1.73 -17.79
N GLN A 190 -5.68 -2.09 -18.48
CA GLN A 190 -6.08 -3.49 -18.53
C GLN A 190 -5.33 -4.28 -19.60
N SER A 191 -4.94 -5.48 -19.20
CA SER A 191 -4.39 -6.50 -20.09
C SER A 191 -5.47 -7.00 -21.02
N GLN A 192 -5.10 -7.10 -22.29
CA GLN A 192 -6.02 -7.60 -23.31
C GLN A 192 -6.07 -9.13 -23.30
N GLU A 193 -4.95 -9.74 -22.93
CA GLU A 193 -4.89 -11.21 -22.84
C GLU A 193 -5.79 -11.73 -21.74
N ASP A 194 -5.46 -11.33 -20.51
CA ASP A 194 -6.13 -11.84 -19.32
C ASP A 194 -7.02 -10.79 -18.67
N GLU A 195 -8.30 -11.13 -18.61
CA GLU A 195 -9.36 -10.23 -18.14
C GLU A 195 -9.13 -9.71 -16.73
N ASN A 196 -8.55 -10.56 -15.89
CA ASN A 196 -8.46 -10.27 -14.46
C ASN A 196 -7.20 -9.53 -14.14
N THR A 197 -6.43 -9.25 -15.19
CA THR A 197 -5.12 -8.63 -15.04
C THR A 197 -5.11 -7.15 -15.36
N SER A 198 -4.39 -6.43 -14.51
CA SER A 198 -4.13 -5.01 -14.67
C SER A 198 -2.63 -4.76 -14.75
N LEU A 199 -2.25 -4.11 -15.85
CA LEU A 199 -0.89 -3.59 -15.99
C LEU A 199 -0.79 -2.30 -15.19
N LEU A 200 0.36 -2.12 -14.57
CA LEU A 200 0.64 -0.92 -13.80
C LEU A 200 1.22 0.13 -14.73
N LEU A 201 0.76 1.35 -14.57
CA LEU A 201 1.26 2.48 -15.36
C LEU A 201 2.13 3.39 -14.51
N GLU A 202 2.41 2.92 -13.31
CA GLU A 202 3.33 3.63 -12.40
C GLU A 202 3.94 2.68 -11.37
#